data_7JL8
#
_entry.id   7JL8
#
_cell.length_a   50.689
_cell.length_b   65.330
_cell.length_c   72.001
_cell.angle_alpha   68.470
_cell.angle_beta   85.670
_cell.angle_gamma   86.920
#
_symmetry.space_group_name_H-M   'P 1'
#
loop_
_entity.id
_entity.type
_entity.pdbx_description
1 polymer 'DNA-directed primase/polymerase protein'
2 polymer "DNA (5'-D(P*AP*TP*(8OG)P*CP*CP*TP*AP*CP*CP*AP*CP*A)-3')"
3 polymer "DNA (5'-D(P*GP*TP*GP*GP*TP*AP*GP*GP*C)-3')"
4 non-polymer "2'-DEOXYADENOSINE 5'-TRIPHOSPHATE"
5 non-polymer 'CALCIUM ION'
6 non-polymer GLYCEROL
7 non-polymer 1,2-ETHANEDIOL
8 non-polymer DI(HYDROXYETHYL)ETHER
9 water water
#
loop_
_entity_poly.entity_id
_entity_poly.type
_entity_poly.pdbx_seq_one_letter_code
_entity_poly.pdbx_strand_id
1 'polypeptide(L)'
;MNRKWEAKLKQIEERASHYERKPLSSVYRPRLSKPEEPPSIWRLFHRQAQAFNFVKSCKEDVHVFALECKVGDGQRIYLV
TTYAEFWFYYKSRKNLLHCYEVIPENAVCKLYFDLEFNKPANPGADGKKMVALLIEYVCKALQELYGVNCSAEDVLNLDS
STDEKFSRHLIFQLHDVAFKDNIHVGNFLRKILQPALDLLGSEDDDSAPETTGHGFPHFSEAPARQGFSFNKMFTEKATE
ESWTSNSKKLERLGSAEQSSPDLSFLVVKNNMGEKHLFVDLGVYTRNRNFRLYKSSKIGKRVALEVTEDNKFFPIQSKDV
SDEYQYFLSSLVSNVRFSDTLRILTCEPSQNKQK
;
A,B
2 'polydeoxyribonucleotide' (DC)(DA)(DT)(8OG)(DC)(DC)(DT)(DA)(DC)(DC)(DA)(DC)(DA)(DC)(DC)(DC)(DC) C,G
3 'polydeoxyribonucleotide' (DG)(DG)(DG)(DT)(DG)(DT)(DG)(DG)(DT)(DA)(DG)(DG)(DC) D,H
#
loop_
_chem_comp.id
_chem_comp.type
_chem_comp.name
_chem_comp.formula
8OG DNA linking 8-OXO-2'-DEOXY-GUANOSINE-5'-MONOPHOSPHATE 'C10 H14 N5 O8 P'
CA non-polymer 'CALCIUM ION' 'Ca 2'
DA DNA linking 2'-DEOXYADENOSINE-5'-MONOPHOSPHATE 'C10 H14 N5 O6 P'
DC DNA linking 2'-DEOXYCYTIDINE-5'-MONOPHOSPHATE 'C9 H14 N3 O7 P'
DG DNA linking 2'-DEOXYGUANOSINE-5'-MONOPHOSPHATE 'C10 H14 N5 O7 P'
DT DNA linking THYMIDINE-5'-MONOPHOSPHATE 'C10 H15 N2 O8 P'
DTP non-polymer '2'-DEOXYADENOSINE 5'-TRIPHOSPHATE' 'C10 H16 N5 O12 P3'
EDO non-polymer 1,2-ETHANEDIOL 'C2 H6 O2'
GOL non-polymer GLYCEROL 'C3 H8 O3'
PEG non-polymer DI(HYDROXYETHYL)ETHER 'C4 H10 O3'
#
# COMPACT_ATOMS: atom_id res chain seq x y z
N MET A 1 -14.91 -5.32 9.53
CA MET A 1 -16.27 -5.91 9.65
C MET A 1 -17.18 -4.98 10.47
N ASN A 2 -16.66 -4.49 11.60
CA ASN A 2 -17.45 -3.58 12.44
C ASN A 2 -17.95 -2.37 11.64
N ARG A 3 -17.14 -1.89 10.69
CA ARG A 3 -17.57 -0.79 9.83
C ARG A 3 -18.43 -1.26 8.67
N LYS A 4 -18.17 -2.46 8.14
CA LYS A 4 -18.98 -2.98 7.04
C LYS A 4 -20.38 -3.37 7.50
N TRP A 5 -20.53 -3.86 8.74
CA TRP A 5 -21.83 -4.27 9.25
C TRP A 5 -22.75 -3.07 9.47
N GLU A 6 -22.23 -2.03 10.15
CA GLU A 6 -23.06 -0.86 10.44
C GLU A 6 -23.54 -0.19 9.16
N ALA A 7 -22.71 -0.17 8.11
CA ALA A 7 -23.13 0.42 6.84
C ALA A 7 -24.22 -0.42 6.19
N LYS A 8 -23.98 -1.72 6.05
CA LYS A 8 -24.99 -2.60 5.46
C LYS A 8 -26.29 -2.58 6.28
N LEU A 9 -26.20 -2.38 7.59
CA LEU A 9 -27.39 -2.33 8.42
C LEU A 9 -28.23 -1.08 8.12
N LYS A 10 -27.63 -0.04 7.57
CA LYS A 10 -28.41 1.10 7.12
C LYS A 10 -29.14 0.80 5.82
N GLN A 11 -28.60 -0.11 5.00
CA GLN A 11 -29.28 -0.49 3.76
C GLN A 11 -30.56 -1.26 4.05
N ILE A 12 -30.55 -2.12 5.07
CA ILE A 12 -31.76 -2.83 5.44
C ILE A 12 -32.74 -1.89 6.12
N GLU A 13 -32.24 -0.88 6.84
CA GLU A 13 -33.13 0.13 7.42
C GLU A 13 -33.74 1.01 6.34
N GLU A 14 -32.95 1.37 5.31
CA GLU A 14 -33.49 2.12 4.18
C GLU A 14 -34.39 1.26 3.30
N ARG A 15 -34.20 -0.06 3.33
CA ARG A 15 -35.09 -0.95 2.59
C ARG A 15 -36.51 -0.91 3.12
N ALA A 16 -36.71 -0.44 4.35
CA ALA A 16 -38.06 -0.32 4.89
C ALA A 16 -38.91 0.61 4.04
N SER A 17 -38.32 1.69 3.52
CA SER A 17 -39.04 2.62 2.67
C SER A 17 -39.09 2.10 1.23
N GLU A 36 -27.70 6.00 -33.28
CA GLU A 36 -27.01 5.78 -32.01
C GLU A 36 -26.86 7.08 -31.24
N GLU A 37 -26.29 7.00 -30.05
CA GLU A 37 -26.12 8.13 -29.15
C GLU A 37 -24.70 8.10 -28.60
N PRO A 38 -24.20 9.23 -28.11
CA PRO A 38 -22.83 9.28 -27.64
C PRO A 38 -22.66 8.46 -26.39
N PRO A 39 -21.51 7.80 -26.20
CA PRO A 39 -21.26 7.09 -24.94
C PRO A 39 -21.23 8.05 -23.76
N SER A 40 -22.06 7.80 -22.76
CA SER A 40 -22.20 8.71 -21.64
C SER A 40 -22.67 7.91 -20.43
N ILE A 41 -22.20 8.26 -19.25
CA ILE A 41 -22.67 7.54 -18.08
C ILE A 41 -23.00 8.59 -17.03
N TRP A 42 -24.18 9.18 -17.12
CA TRP A 42 -24.68 10.13 -16.13
C TRP A 42 -25.82 9.43 -15.40
N ARG A 43 -25.57 9.04 -14.15
CA ARG A 43 -26.55 8.29 -13.37
C ARG A 43 -26.66 8.92 -11.99
N LEU A 44 -27.88 9.25 -11.58
CA LEU A 44 -28.14 9.83 -10.27
C LEU A 44 -28.76 8.80 -9.32
N PHE A 45 -28.50 8.98 -8.03
CA PHE A 45 -29.01 8.07 -7.00
C PHE A 45 -29.36 8.84 -5.74
N HIS A 46 -30.41 8.38 -5.07
CA HIS A 46 -30.77 8.93 -3.77
C HIS A 46 -29.94 8.43 -2.61
N ARG A 47 -29.49 7.20 -2.68
CA ARG A 47 -28.73 6.57 -1.61
C ARG A 47 -27.30 6.36 -2.07
N GLN A 48 -26.35 6.76 -1.21
CA GLN A 48 -24.93 6.62 -1.52
C GLN A 48 -24.54 5.18 -1.83
N ALA A 49 -25.15 4.21 -1.14
CA ALA A 49 -24.80 2.81 -1.37
C ALA A 49 -25.20 2.36 -2.77
N GLN A 50 -26.32 2.85 -3.28
N GLN A 50 -26.32 2.85 -3.28
CA GLN A 50 -26.73 2.49 -4.64
CA GLN A 50 -26.74 2.52 -4.63
C GLN A 50 -25.76 3.05 -5.67
C GLN A 50 -25.74 3.03 -5.66
N ALA A 51 -25.16 4.21 -5.41
CA ALA A 51 -24.18 4.77 -6.35
C ALA A 51 -22.92 3.92 -6.41
N PHE A 52 -22.47 3.41 -5.25
CA PHE A 52 -21.28 2.55 -5.24
C PHE A 52 -21.59 1.16 -5.79
N ASN A 53 -22.80 0.66 -5.57
CA ASN A 53 -23.18 -0.60 -6.20
C ASN A 53 -23.11 -0.48 -7.72
N PHE A 54 -23.53 0.66 -8.26
CA PHE A 54 -23.46 0.87 -9.70
C PHE A 54 -22.02 0.98 -10.18
N VAL A 55 -21.17 1.66 -9.41
CA VAL A 55 -19.75 1.81 -9.79
C VAL A 55 -19.10 0.43 -9.93
N LYS A 56 -19.25 -0.42 -8.92
CA LYS A 56 -18.70 -1.78 -9.00
C LYS A 56 -19.28 -2.54 -10.18
N SER A 57 -20.56 -2.29 -10.51
CA SER A 57 -21.23 -2.94 -11.63
C SER A 57 -21.07 -2.16 -12.93
N CYS A 58 -19.98 -1.40 -13.08
CA CYS A 58 -19.76 -0.56 -14.24
C CYS A 58 -18.33 -0.75 -14.72
N LYS A 59 -18.18 -1.06 -16.02
CA LYS A 59 -16.86 -1.34 -16.56
C LYS A 59 -16.01 -0.09 -16.70
N GLU A 60 -16.63 1.05 -16.98
CA GLU A 60 -15.87 2.28 -17.13
C GLU A 60 -15.34 2.75 -15.78
N ASP A 61 -14.37 3.66 -15.83
CA ASP A 61 -13.77 4.26 -14.63
C ASP A 61 -14.63 5.44 -14.19
N VAL A 62 -15.66 5.14 -13.40
CA VAL A 62 -16.59 6.14 -12.92
C VAL A 62 -16.34 6.40 -11.45
N HIS A 63 -16.80 7.56 -10.99
CA HIS A 63 -16.59 8.00 -9.61
C HIS A 63 -17.87 8.65 -9.09
N VAL A 64 -17.95 8.73 -7.77
CA VAL A 64 -19.16 9.19 -7.08
C VAL A 64 -18.97 10.65 -6.66
N PHE A 65 -19.91 11.49 -7.06
CA PHE A 65 -19.99 12.87 -6.60
C PHE A 65 -21.27 13.07 -5.79
N ALA A 66 -21.26 14.09 -4.93
CA ALA A 66 -22.41 14.43 -4.09
C ALA A 66 -22.82 15.86 -4.38
N LEU A 67 -24.11 16.05 -4.61
CA LEU A 67 -24.69 17.35 -4.94
C LEU A 67 -25.59 17.79 -3.80
N GLU A 68 -25.30 18.96 -3.24
CA GLU A 68 -26.18 19.56 -2.26
C GLU A 68 -27.52 19.98 -2.79
N CYS A 69 -28.59 19.54 -2.10
CA CYS A 69 -29.94 19.88 -2.50
C CYS A 69 -30.28 21.30 -2.08
N LYS A 70 -31.13 21.95 -2.89
CA LYS A 70 -31.53 23.33 -2.65
C LYS A 70 -31.89 23.57 -1.18
N VAL A 71 -32.50 22.58 -0.54
CA VAL A 71 -32.86 22.73 0.87
C VAL A 71 -31.62 23.12 1.66
N GLY A 72 -31.81 23.94 2.69
CA GLY A 72 -30.69 24.42 3.48
C GLY A 72 -29.96 23.33 4.24
N ASP A 73 -30.57 22.17 4.41
CA ASP A 73 -29.95 21.08 5.16
C ASP A 73 -28.80 20.48 4.34
N GLY A 74 -28.22 19.41 4.86
CA GLY A 74 -27.12 18.76 4.20
C GLY A 74 -27.53 17.58 3.34
N GLN A 75 -28.80 17.52 2.95
CA GLN A 75 -29.25 16.45 2.06
C GLN A 75 -28.43 16.48 0.77
N ARG A 76 -28.17 15.29 0.24
CA ARG A 76 -27.29 15.13 -0.92
C ARG A 76 -27.88 14.06 -1.82
N ILE A 77 -27.66 14.25 -3.10
CA ILE A 77 -27.99 13.33 -4.17
C ILE A 77 -26.70 12.98 -4.88
N TYR A 78 -26.48 11.69 -5.12
CA TYR A 78 -25.19 11.20 -5.60
C TYR A 78 -25.21 10.99 -7.11
N LEU A 79 -24.09 11.33 -7.75
CA LEU A 79 -23.94 11.30 -9.20
C LEU A 79 -22.74 10.43 -9.55
N VAL A 80 -22.94 9.52 -10.50
CA VAL A 80 -21.88 8.65 -11.00
C VAL A 80 -21.59 9.02 -12.45
N THR A 81 -20.32 9.27 -12.74
CA THR A 81 -19.88 9.58 -14.09
C THR A 81 -18.35 9.57 -14.07
N THR A 82 -17.74 9.76 -15.24
CA THR A 82 -16.31 9.85 -15.36
C THR A 82 -15.84 11.26 -15.02
N TYR A 83 -14.56 11.38 -14.68
CA TYR A 83 -14.03 12.72 -14.43
C TYR A 83 -14.19 13.60 -15.67
N ALA A 84 -13.96 13.03 -16.86
CA ALA A 84 -13.95 13.86 -18.06
C ALA A 84 -15.33 14.39 -18.37
N GLU A 85 -16.37 13.54 -18.27
CA GLU A 85 -17.71 14.00 -18.57
C GLU A 85 -18.25 14.94 -17.50
N PHE A 86 -17.92 14.69 -16.24
CA PHE A 86 -18.28 15.63 -15.19
C PHE A 86 -17.72 17.02 -15.50
N TRP A 87 -16.42 17.10 -15.79
CA TRP A 87 -15.81 18.38 -16.11
C TRP A 87 -16.49 19.06 -17.29
N PHE A 88 -16.83 18.28 -18.32
CA PHE A 88 -17.48 18.86 -19.49
C PHE A 88 -18.68 19.70 -19.08
N TYR A 89 -19.58 19.13 -18.27
CA TYR A 89 -20.81 19.83 -17.90
C TYR A 89 -20.65 20.70 -16.67
N TYR A 90 -19.51 20.62 -15.98
CA TYR A 90 -19.26 21.36 -14.75
C TYR A 90 -18.45 22.63 -14.96
N LYS A 91 -17.60 22.68 -16.00
CA LYS A 91 -16.55 23.68 -16.08
C LYS A 91 -17.10 25.07 -16.35
N SER A 92 -18.25 25.19 -17.00
CA SER A 92 -18.78 26.52 -17.26
C SER A 92 -19.19 27.22 -15.96
N ARG A 93 -19.37 26.46 -14.87
CA ARG A 93 -19.88 26.98 -13.60
C ARG A 93 -21.27 27.59 -13.75
N LYS A 94 -21.97 27.22 -14.83
CA LYS A 94 -23.36 27.63 -15.00
C LYS A 94 -24.29 26.65 -14.32
N ASN A 95 -23.91 25.38 -14.30
CA ASN A 95 -24.67 24.34 -13.67
C ASN A 95 -23.78 23.60 -12.69
N LEU A 96 -24.42 22.61 -12.04
CA LEU A 96 -23.84 21.81 -10.96
C LEU A 96 -23.00 22.66 -10.05
N LEU A 97 -23.62 23.57 -9.33
CA LEU A 97 -22.94 24.26 -8.25
C LEU A 97 -23.05 23.44 -6.98
N HIS A 98 -22.13 23.68 -6.06
CA HIS A 98 -22.15 23.02 -4.76
C HIS A 98 -22.02 21.49 -4.90
N CYS A 99 -20.87 21.08 -5.41
CA CYS A 99 -20.58 19.67 -5.62
C CYS A 99 -19.45 19.21 -4.70
N TYR A 100 -19.47 17.94 -4.39
CA TYR A 100 -18.51 17.34 -3.49
C TYR A 100 -17.99 16.05 -4.12
N GLU A 101 -16.73 15.75 -3.85
CA GLU A 101 -16.13 14.44 -4.13
C GLU A 101 -16.41 13.51 -2.95
N VAL A 102 -16.90 12.31 -3.24
CA VAL A 102 -17.01 11.27 -2.22
C VAL A 102 -15.70 10.49 -2.26
N ILE A 103 -14.88 10.62 -1.23
CA ILE A 103 -13.65 9.85 -1.09
C ILE A 103 -14.02 8.43 -0.67
N PRO A 104 -14.00 7.44 -1.57
CA PRO A 104 -14.52 6.12 -1.20
C PRO A 104 -13.68 5.45 -0.12
N GLU A 105 -14.36 4.78 0.80
CA GLU A 105 -13.65 4.06 1.85
C GLU A 105 -12.86 2.89 1.26
N ASN A 106 -11.70 2.64 1.83
CA ASN A 106 -10.80 1.59 1.37
C ASN A 106 -10.16 1.88 0.03
N ALA A 107 -10.40 3.05 -0.58
CA ALA A 107 -9.73 3.42 -1.82
C ALA A 107 -8.45 4.21 -1.54
N VAL A 108 -7.40 3.93 -2.31
CA VAL A 108 -6.15 4.69 -2.21
C VAL A 108 -6.44 6.17 -2.46
N CYS A 109 -5.72 7.04 -1.77
CA CYS A 109 -6.06 8.45 -1.83
C CYS A 109 -4.84 9.29 -1.54
N LYS A 110 -4.89 10.55 -2.01
CA LYS A 110 -3.81 11.48 -1.76
C LYS A 110 -3.83 11.97 -0.31
N LEU A 111 -2.69 12.49 0.12
CA LEU A 111 -2.63 13.19 1.39
C LEU A 111 -3.32 14.54 1.20
N TYR A 112 -4.23 14.89 2.11
CA TYR A 112 -4.97 16.15 1.97
C TYR A 112 -5.28 16.69 3.36
N PHE A 113 -5.59 18.00 3.39
CA PHE A 113 -5.87 18.71 4.63
C PHE A 113 -7.07 19.63 4.46
N ASP A 114 -7.84 19.79 5.55
CA ASP A 114 -8.83 20.84 5.67
C ASP A 114 -8.37 21.78 6.79
N LEU A 115 -8.12 23.04 6.44
CA LEU A 115 -7.48 23.99 7.33
C LEU A 115 -8.42 25.18 7.51
N GLU A 116 -8.58 25.63 8.75
CA GLU A 116 -9.58 26.63 9.10
C GLU A 116 -9.20 27.31 10.42
N PHE A 117 -9.53 28.59 10.53
CA PHE A 117 -9.66 29.21 11.84
C PHE A 117 -10.48 30.47 11.69
N ASN A 118 -11.21 30.79 12.76
CA ASN A 118 -11.98 32.01 12.87
C ASN A 118 -11.06 33.22 12.88
N LYS A 119 -11.25 34.13 11.93
CA LYS A 119 -10.37 35.29 11.86
C LYS A 119 -10.58 36.23 13.05
N PRO A 120 -11.80 36.64 13.40
CA PRO A 120 -11.93 37.56 14.54
C PRO A 120 -11.39 36.98 15.84
N ALA A 121 -11.48 35.67 16.04
CA ALA A 121 -11.02 35.07 17.28
C ALA A 121 -9.52 34.83 17.32
N ASN A 122 -8.80 35.05 16.23
CA ASN A 122 -7.35 34.86 16.19
C ASN A 122 -6.66 36.04 15.53
N PRO A 123 -6.83 37.24 16.08
CA PRO A 123 -6.35 38.43 15.39
C PRO A 123 -4.87 38.41 15.04
N GLY A 124 -4.03 37.75 15.86
CA GLY A 124 -2.61 37.71 15.57
C GLY A 124 -2.18 36.65 14.58
N ALA A 125 -3.05 35.71 14.25
CA ALA A 125 -2.65 34.58 13.43
C ALA A 125 -2.33 35.01 12.02
N ASP A 126 -1.26 34.45 11.45
CA ASP A 126 -0.86 34.68 10.07
C ASP A 126 -1.14 33.38 9.32
N GLY A 127 -2.30 33.32 8.65
CA GLY A 127 -2.70 32.07 8.04
C GLY A 127 -1.70 31.57 7.03
N LYS A 128 -1.19 32.45 6.18
CA LYS A 128 -0.21 32.07 5.17
C LYS A 128 1.01 31.45 5.84
N LYS A 129 1.50 32.07 6.92
CA LYS A 129 2.64 31.52 7.61
C LYS A 129 2.32 30.15 8.21
N MET A 130 1.13 30.00 8.78
CA MET A 130 0.75 28.72 9.38
C MET A 130 0.71 27.60 8.34
N VAL A 131 0.26 27.92 7.12
CA VAL A 131 0.21 26.90 6.07
C VAL A 131 1.62 26.45 5.70
N ALA A 132 2.52 27.41 5.49
CA ALA A 132 3.89 27.05 5.11
C ALA A 132 4.56 26.24 6.20
N LEU A 133 4.35 26.61 7.47
CA LEU A 133 4.96 25.86 8.57
C LEU A 133 4.38 24.45 8.63
N LEU A 134 3.07 24.32 8.44
CA LEU A 134 2.45 23.00 8.45
C LEU A 134 3.04 22.14 7.35
N ILE A 135 3.13 22.67 6.13
CA ILE A 135 3.69 21.90 5.02
C ILE A 135 5.11 21.47 5.33
N GLU A 136 5.90 22.39 5.89
CA GLU A 136 7.27 22.06 6.28
C GLU A 136 7.30 20.89 7.25
N TYR A 137 6.46 20.92 8.28
CA TYR A 137 6.47 19.86 9.27
C TYR A 137 6.00 18.55 8.67
N VAL A 138 4.89 18.60 7.93
CA VAL A 138 4.37 17.37 7.31
C VAL A 138 5.41 16.77 6.37
N CYS A 139 6.14 17.62 5.65
CA CYS A 139 7.14 17.10 4.72
C CYS A 139 8.29 16.44 5.48
N LYS A 140 8.67 16.99 6.63
CA LYS A 140 9.65 16.33 7.48
C LYS A 140 9.13 14.97 7.95
N ALA A 141 7.89 14.93 8.45
CA ALA A 141 7.34 13.65 8.92
C ALA A 141 7.32 12.61 7.81
N LEU A 142 6.87 13.00 6.61
CA LEU A 142 6.85 12.06 5.50
C LEU A 142 8.24 11.52 5.20
N GLN A 143 9.28 12.35 5.38
CA GLN A 143 10.65 11.91 5.12
C GLN A 143 11.15 10.99 6.23
N GLU A 144 10.84 11.33 7.49
CA GLU A 144 11.36 10.55 8.62
C GLU A 144 10.62 9.23 8.77
N LEU A 145 9.30 9.22 8.55
CA LEU A 145 8.53 8.00 8.77
C LEU A 145 8.44 7.12 7.53
N TYR A 146 8.44 7.70 6.34
CA TYR A 146 8.25 6.93 5.12
C TYR A 146 9.37 7.09 4.09
N GLY A 147 10.32 7.99 4.31
CA GLY A 147 11.33 8.27 3.32
C GLY A 147 10.83 9.00 2.08
N VAL A 148 9.63 9.59 2.14
CA VAL A 148 9.08 10.29 0.99
C VAL A 148 9.61 11.72 0.98
N ASN A 149 10.14 12.14 -0.17
CA ASN A 149 10.68 13.48 -0.35
C ASN A 149 9.64 14.36 -1.04
N CYS A 150 9.32 15.49 -0.44
CA CYS A 150 8.40 16.43 -1.08
C CYS A 150 8.55 17.79 -0.43
N SER A 151 7.88 18.77 -1.02
CA SER A 151 8.03 20.16 -0.63
C SER A 151 6.75 20.89 -1.02
N ALA A 152 6.72 22.20 -0.71
CA ALA A 152 5.55 23.00 -1.02
C ALA A 152 5.22 22.98 -2.51
N GLU A 153 6.21 22.75 -3.36
CA GLU A 153 5.96 22.63 -4.79
C GLU A 153 5.06 21.45 -5.14
N ASP A 154 4.83 20.53 -4.22
CA ASP A 154 4.00 19.35 -4.45
C ASP A 154 2.62 19.48 -3.83
N VAL A 155 2.28 20.66 -3.29
CA VAL A 155 1.03 20.85 -2.54
C VAL A 155 0.14 21.80 -3.35
N LEU A 156 -1.00 21.31 -3.79
CA LEU A 156 -1.99 22.16 -4.41
C LEU A 156 -2.69 22.92 -3.28
N ASN A 157 -2.70 24.25 -3.38
CA ASN A 157 -3.23 25.13 -2.33
C ASN A 157 -4.51 25.77 -2.87
N LEU A 158 -5.65 25.39 -2.29
CA LEU A 158 -6.95 25.93 -2.65
C LEU A 158 -7.48 26.77 -1.49
N ASP A 159 -8.16 27.86 -1.84
CA ASP A 159 -8.63 28.82 -0.85
C ASP A 159 -10.13 29.03 -1.01
N SER A 160 -10.84 29.08 0.14
CA SER A 160 -12.25 29.44 0.20
C SER A 160 -12.51 30.43 1.34
N SER A 161 -11.54 31.31 1.61
CA SER A 161 -11.60 32.20 2.75
C SER A 161 -12.66 33.28 2.58
N THR A 162 -13.24 33.69 3.70
CA THR A 162 -14.13 34.85 3.77
C THR A 162 -13.57 35.88 4.73
N ASP A 163 -14.30 37.01 4.82
CA ASP A 163 -14.01 38.04 5.82
C ASP A 163 -13.93 37.45 7.23
N GLU A 164 -14.74 36.43 7.52
CA GLU A 164 -14.81 35.85 8.85
C GLU A 164 -13.96 34.59 9.03
N LYS A 165 -13.66 33.87 7.94
CA LYS A 165 -13.05 32.56 8.04
C LYS A 165 -11.85 32.44 7.10
N PHE A 166 -10.71 32.06 7.66
CA PHE A 166 -9.59 31.60 6.87
C PHE A 166 -9.83 30.13 6.57
N SER A 167 -9.89 29.78 5.28
CA SER A 167 -10.26 28.43 4.87
C SER A 167 -9.38 27.97 3.71
N ARG A 168 -8.68 26.86 3.88
CA ARG A 168 -7.85 26.30 2.82
C ARG A 168 -8.09 24.81 2.70
N HIS A 169 -7.87 24.30 1.49
CA HIS A 169 -7.77 22.87 1.23
C HIS A 169 -6.40 22.65 0.61
N LEU A 170 -5.62 21.74 1.18
CA LEU A 170 -4.36 21.34 0.60
C LEU A 170 -4.51 19.91 0.09
N ILE A 171 -4.00 19.64 -1.12
CA ILE A 171 -3.99 18.30 -1.69
C ILE A 171 -2.57 18.05 -2.19
N PHE A 172 -1.87 17.15 -1.51
CA PHE A 172 -0.50 16.83 -1.87
C PHE A 172 -0.48 16.00 -3.14
N GLN A 173 0.49 16.25 -4.00
CA GLN A 173 0.66 15.53 -5.26
C GLN A 173 1.98 14.79 -5.20
N LEU A 174 2.00 13.66 -4.50
CA LEU A 174 3.25 12.93 -4.30
C LEU A 174 3.56 12.02 -5.49
N HIS A 175 4.84 12.00 -5.90
CA HIS A 175 5.26 11.25 -7.09
C HIS A 175 5.24 9.76 -6.78
N ASP A 176 4.26 9.04 -7.33
CA ASP A 176 4.19 7.59 -7.21
C ASP A 176 3.98 7.14 -5.77
N VAL A 177 3.25 7.93 -4.97
CA VAL A 177 2.99 7.62 -3.57
C VAL A 177 1.54 7.96 -3.26
N ALA A 178 0.92 7.13 -2.44
CA ALA A 178 -0.42 7.41 -1.93
C ALA A 178 -0.62 6.66 -0.64
N PHE A 179 -1.65 7.06 0.10
CA PHE A 179 -2.05 6.42 1.33
C PHE A 179 -3.07 5.33 1.01
N LYS A 180 -3.04 4.27 1.82
CA LYS A 180 -3.95 3.15 1.62
C LYS A 180 -5.40 3.59 1.50
N ASP A 181 -5.84 4.49 2.39
CA ASP A 181 -7.15 5.10 2.31
C ASP A 181 -7.15 6.33 3.22
N ASN A 182 -8.27 7.05 3.23
CA ASN A 182 -8.25 8.32 3.96
C ASN A 182 -8.30 8.10 5.47
N ILE A 183 -8.72 6.93 5.95
CA ILE A 183 -8.60 6.61 7.38
C ILE A 183 -7.14 6.55 7.79
N HIS A 184 -6.29 5.97 6.93
CA HIS A 184 -4.86 5.91 7.23
C HIS A 184 -4.25 7.30 7.19
N VAL A 185 -4.70 8.16 6.28
CA VAL A 185 -4.29 9.56 6.32
C VAL A 185 -4.57 10.14 7.71
N GLY A 186 -5.77 9.88 8.24
CA GLY A 186 -6.13 10.40 9.56
C GLY A 186 -5.25 9.85 10.67
N ASN A 187 -4.96 8.54 10.62
CA ASN A 187 -4.08 7.95 11.63
C ASN A 187 -2.69 8.56 11.55
N PHE A 188 -2.20 8.81 10.34
CA PHE A 188 -0.88 9.43 10.19
C PHE A 188 -0.88 10.81 10.82
N LEU A 189 -1.92 11.61 10.57
CA LEU A 189 -1.93 12.98 11.07
C LEU A 189 -2.10 13.01 12.58
N ARG A 190 -2.95 12.14 13.14
N ARG A 190 -2.97 12.15 13.13
CA ARG A 190 -3.10 12.08 14.58
CA ARG A 190 -3.11 12.06 14.58
C ARG A 190 -1.79 11.65 15.24
C ARG A 190 -1.77 11.67 15.23
N LYS A 191 -0.99 10.82 14.56
CA LYS A 191 0.27 10.37 15.11
C LYS A 191 1.28 11.51 15.15
N ILE A 192 1.42 12.25 14.06
CA ILE A 192 2.44 13.31 14.00
C ILE A 192 1.97 14.64 14.61
N LEU A 193 0.67 14.83 14.82
CA LEU A 193 0.17 16.04 15.47
C LEU A 193 -0.11 15.81 16.94
N GLN A 194 0.29 14.65 17.47
CA GLN A 194 0.07 14.40 18.88
C GLN A 194 0.71 15.43 19.79
N PRO A 195 1.89 15.97 19.50
CA PRO A 195 2.41 17.06 20.34
C PRO A 195 1.48 18.27 20.39
N ALA A 196 0.69 18.50 19.36
CA ALA A 196 -0.23 19.62 19.37
C ALA A 196 -1.54 19.27 20.06
N LEU A 197 -2.02 18.04 19.86
CA LEU A 197 -3.26 17.63 20.48
C LEU A 197 -3.15 17.61 22.00
N ASP A 198 -1.97 17.33 22.53
CA ASP A 198 -1.80 17.28 23.97
C ASP A 198 -2.13 18.64 24.61
N LEU A 199 -1.87 19.74 23.90
CA LEU A 199 -2.22 21.05 24.43
C LEU A 199 -3.72 21.17 24.65
N LEU A 200 -4.52 20.72 23.68
CA LEU A 200 -5.97 20.75 23.83
C LEU A 200 -6.41 19.91 25.03
N PRO A 261 8.50 18.10 19.44
CA PRO A 261 8.41 19.22 18.49
C PRO A 261 7.49 20.33 19.00
N ASP A 262 7.71 21.56 18.51
CA ASP A 262 6.92 22.72 18.90
C ASP A 262 5.85 22.95 17.83
N LEU A 263 4.61 22.57 18.14
CA LEU A 263 3.49 22.69 17.22
C LEU A 263 2.45 23.67 17.75
N SER A 264 2.88 24.63 18.58
CA SER A 264 1.94 25.59 19.16
C SER A 264 1.27 26.45 18.09
N PHE A 265 1.93 26.64 16.94
CA PHE A 265 1.34 27.46 15.88
C PHE A 265 0.02 26.87 15.35
N LEU A 266 -0.25 25.58 15.59
CA LEU A 266 -1.47 24.98 15.10
C LEU A 266 -2.68 25.31 15.97
N VAL A 267 -2.45 25.74 17.19
CA VAL A 267 -3.54 25.94 18.15
C VAL A 267 -4.25 27.24 17.79
N VAL A 268 -5.55 27.17 17.52
CA VAL A 268 -6.36 28.34 17.27
C VAL A 268 -7.58 28.30 18.19
N LYS A 269 -8.23 29.46 18.34
CA LYS A 269 -9.44 29.57 19.14
C LYS A 269 -10.64 29.46 18.23
N ASN A 270 -11.66 28.75 18.69
CA ASN A 270 -12.97 28.75 18.04
C ASN A 270 -13.73 30.00 18.49
N ASN A 271 -15.01 30.09 18.10
CA ASN A 271 -15.80 31.25 18.47
C ASN A 271 -15.87 31.44 19.97
N MET A 272 -15.99 30.34 20.72
CA MET A 272 -16.20 30.39 22.16
C MET A 272 -14.89 30.47 22.94
N GLY A 273 -13.78 30.81 22.29
CA GLY A 273 -12.51 30.86 22.98
C GLY A 273 -11.95 29.51 23.38
N GLU A 274 -12.49 28.41 22.86
CA GLU A 274 -12.00 27.08 23.16
C GLU A 274 -10.91 26.72 22.14
N LYS A 275 -9.76 26.31 22.64
CA LYS A 275 -8.63 26.00 21.78
C LYS A 275 -8.96 24.78 20.90
N HIS A 276 -8.53 24.84 19.65
CA HIS A 276 -8.65 23.81 18.59
C HIS A 276 -7.42 23.84 17.75
N LEU A 277 -7.27 22.81 16.93
CA LEU A 277 -6.16 22.76 16.01
C LEU A 277 -6.55 23.38 14.67
N PHE A 278 -5.61 24.13 14.09
CA PHE A 278 -5.74 24.64 12.73
C PHE A 278 -6.08 23.53 11.74
N VAL A 279 -5.66 22.30 12.00
CA VAL A 279 -5.92 21.16 11.11
C VAL A 279 -7.24 20.53 11.53
N ASP A 280 -8.17 20.41 10.59
CA ASP A 280 -9.47 19.81 10.87
C ASP A 280 -9.35 18.30 10.69
N LEU A 281 -9.38 17.56 11.81
CA LEU A 281 -9.24 16.12 11.75
C LEU A 281 -10.58 15.41 11.50
N GLY A 282 -11.68 16.14 11.35
CA GLY A 282 -12.95 15.49 11.10
C GLY A 282 -13.19 15.05 9.67
N VAL A 283 -12.26 15.30 8.74
CA VAL A 283 -12.48 14.99 7.34
C VAL A 283 -11.88 13.63 6.94
N TYR A 284 -11.36 12.87 7.91
CA TYR A 284 -10.78 11.57 7.62
C TYR A 284 -11.72 10.48 8.12
N THR A 285 -12.92 10.44 7.53
CA THR A 285 -13.97 9.49 7.87
C THR A 285 -14.40 8.78 6.60
N ARG A 286 -15.03 7.62 6.78
CA ARG A 286 -15.39 6.79 5.64
C ARG A 286 -16.36 7.55 4.75
N ASN A 287 -16.01 7.63 3.45
CA ASN A 287 -16.85 8.26 2.43
C ASN A 287 -17.02 9.74 2.68
N ARG A 288 -16.01 10.37 3.28
CA ARG A 288 -16.01 11.80 3.47
C ARG A 288 -16.24 12.54 2.15
N ASN A 289 -17.20 13.44 2.17
CA ASN A 289 -17.40 14.42 1.11
C ASN A 289 -16.39 15.55 1.25
N PHE A 290 -15.83 15.99 0.13
CA PHE A 290 -14.80 17.02 0.12
C PHE A 290 -15.09 17.97 -1.03
N ARG A 291 -15.45 19.21 -0.69
CA ARG A 291 -15.96 20.16 -1.68
C ARG A 291 -15.00 20.29 -2.85
N LEU A 292 -15.57 20.33 -4.07
CA LEU A 292 -14.78 20.35 -5.29
C LEU A 292 -14.16 21.71 -5.53
N TYR A 293 -13.00 21.69 -6.17
CA TYR A 293 -12.47 22.86 -6.86
C TYR A 293 -13.57 23.58 -7.62
N LYS A 294 -13.69 24.88 -7.38
CA LYS A 294 -14.66 25.78 -8.01
C LYS A 294 -16.10 25.59 -7.56
N SER A 295 -16.36 24.82 -6.50
CA SER A 295 -17.70 24.78 -5.90
C SER A 295 -17.73 25.50 -4.56
N SER A 296 -18.92 25.96 -4.21
CA SER A 296 -19.20 26.66 -2.98
C SER A 296 -20.24 25.89 -2.19
N LYS A 297 -20.31 26.17 -0.90
CA LYS A 297 -21.40 25.65 -0.08
C LYS A 297 -22.72 26.28 -0.55
N ILE A 298 -23.80 25.50 -0.41
CA ILE A 298 -25.08 25.89 -0.98
C ILE A 298 -25.53 27.27 -0.56
N GLY A 299 -25.32 27.63 0.67
CA GLY A 299 -25.78 28.93 1.07
C GLY A 299 -24.82 30.08 0.81
N LYS A 300 -23.64 29.79 0.28
CA LYS A 300 -22.57 30.75 0.19
C LYS A 300 -22.25 31.05 -1.28
N ARG A 301 -21.37 32.02 -1.48
CA ARG A 301 -20.91 32.36 -2.81
C ARG A 301 -19.44 32.06 -3.02
N VAL A 302 -18.67 31.79 -1.96
CA VAL A 302 -17.23 31.63 -2.11
C VAL A 302 -16.91 30.21 -2.57
N ALA A 303 -16.30 30.09 -3.74
CA ALA A 303 -15.91 28.81 -4.26
C ALA A 303 -14.43 28.60 -4.03
N LEU A 304 -14.04 27.34 -3.96
CA LEU A 304 -12.63 26.99 -3.84
C LEU A 304 -11.93 27.35 -5.13
N GLU A 305 -10.84 28.10 -5.00
CA GLU A 305 -10.04 28.53 -6.14
C GLU A 305 -8.58 28.36 -5.74
N VAL A 306 -7.72 28.28 -6.75
CA VAL A 306 -6.29 28.15 -6.47
C VAL A 306 -5.81 29.42 -5.77
N THR A 307 -5.10 29.24 -4.67
CA THR A 307 -4.58 30.36 -3.90
C THR A 307 -3.46 31.05 -4.66
N GLU A 308 -3.28 32.34 -4.38
CA GLU A 308 -2.28 33.12 -5.10
C GLU A 308 -0.87 32.61 -4.84
N ASP A 309 -0.60 32.10 -3.65
CA ASP A 309 0.71 31.58 -3.29
C ASP A 309 0.90 30.10 -3.65
N ASN A 310 -0.06 29.49 -4.36
CA ASN A 310 0.08 28.10 -4.76
C ASN A 310 1.38 27.87 -5.51
N LYS A 311 2.07 26.77 -5.20
CA LYS A 311 3.33 26.46 -5.84
C LYS A 311 3.32 25.17 -6.64
N PHE A 312 2.20 24.44 -6.66
CA PHE A 312 2.09 23.25 -7.48
C PHE A 312 1.57 23.67 -8.86
N PHE A 313 2.34 23.35 -9.90
CA PHE A 313 1.94 23.65 -11.28
C PHE A 313 1.90 22.36 -12.07
N PRO A 314 0.74 21.91 -12.54
CA PRO A 314 0.71 20.68 -13.33
C PRO A 314 1.53 20.83 -14.61
N ILE A 315 2.01 19.71 -15.13
CA ILE A 315 2.65 19.73 -16.44
C ILE A 315 1.61 20.07 -17.48
N GLN A 316 1.88 21.06 -18.32
CA GLN A 316 0.91 21.49 -19.33
C GLN A 316 0.90 20.50 -20.50
N SER A 317 -0.29 20.28 -21.05
CA SER A 317 -0.51 19.35 -22.16
C SER A 317 -1.33 20.01 -23.26
N LYS A 318 -0.95 19.74 -24.51
CA LYS A 318 -1.73 20.27 -25.62
C LYS A 318 -3.11 19.62 -25.72
N ASP A 319 -3.32 18.50 -25.04
CA ASP A 319 -4.53 17.71 -25.15
C ASP A 319 -5.55 18.00 -24.06
N VAL A 320 -5.18 18.71 -22.98
CA VAL A 320 -6.12 19.08 -21.93
C VAL A 320 -5.88 20.52 -21.48
N SER A 321 -6.94 21.17 -21.02
CA SER A 321 -6.81 22.52 -20.51
C SER A 321 -6.07 22.51 -19.17
N ASP A 322 -5.46 23.65 -18.84
CA ASP A 322 -4.83 23.77 -17.53
C ASP A 322 -5.85 23.61 -16.42
N GLU A 323 -7.07 24.13 -16.61
CA GLU A 323 -8.08 24.05 -15.55
C GLU A 323 -8.47 22.60 -15.29
N TYR A 324 -8.63 21.80 -16.34
CA TYR A 324 -8.88 20.39 -16.12
C TYR A 324 -7.75 19.74 -15.35
N GLN A 325 -6.51 20.12 -15.63
CA GLN A 325 -5.37 19.55 -14.91
C GLN A 325 -5.44 19.90 -13.44
N TYR A 326 -5.80 21.14 -13.11
CA TYR A 326 -5.95 21.51 -11.71
C TYR A 326 -7.09 20.72 -11.08
N PHE A 327 -8.17 20.53 -11.83
CA PHE A 327 -9.29 19.74 -11.34
C PHE A 327 -8.81 18.33 -10.97
N LEU A 328 -8.12 17.65 -11.89
CA LEU A 328 -7.69 16.28 -11.63
C LEU A 328 -6.73 16.24 -10.45
N SER A 329 -5.85 17.24 -10.36
CA SER A 329 -4.94 17.30 -9.22
C SER A 329 -5.70 17.46 -7.91
N SER A 330 -6.80 18.23 -7.93
CA SER A 330 -7.56 18.52 -6.72
C SER A 330 -8.34 17.31 -6.23
N LEU A 331 -8.59 16.32 -7.07
CA LEU A 331 -9.37 15.19 -6.66
C LEU A 331 -8.54 14.27 -5.76
N VAL A 332 -8.99 14.11 -4.51
CA VAL A 332 -8.24 13.37 -3.49
C VAL A 332 -8.15 11.90 -3.85
N SER A 333 -9.20 11.35 -4.45
CA SER A 333 -9.28 9.96 -4.80
C SER A 333 -8.69 9.67 -6.18
N ASN A 334 -8.20 10.70 -6.89
CA ASN A 334 -7.69 10.49 -8.26
C ASN A 334 -6.19 10.27 -8.21
N VAL A 335 -5.80 9.06 -7.81
CA VAL A 335 -4.39 8.76 -7.60
C VAL A 335 -3.80 8.37 -8.95
N ARG A 336 -2.77 9.12 -9.38
CA ARG A 336 -2.16 8.90 -10.67
C ARG A 336 -1.67 7.47 -10.81
N PHE A 337 -2.12 6.81 -11.86
CA PHE A 337 -1.67 5.45 -12.15
C PHE A 337 -0.15 5.42 -12.31
N SER A 338 0.48 4.43 -11.68
CA SER A 338 1.92 4.29 -11.74
C SER A 338 2.28 2.82 -11.55
N ASP A 339 3.28 2.36 -12.33
CA ASP A 339 3.75 0.99 -12.20
C ASP A 339 4.78 0.81 -11.10
N THR A 340 5.07 1.85 -10.32
CA THR A 340 5.92 1.77 -9.14
C THR A 340 5.28 2.49 -7.96
N LEU A 341 3.95 2.39 -7.84
CA LEU A 341 3.25 3.07 -6.77
C LEU A 341 3.58 2.43 -5.41
N ARG A 342 3.90 3.30 -4.45
CA ARG A 342 4.06 2.93 -3.05
C ARG A 342 2.83 3.37 -2.27
N ILE A 343 2.28 2.48 -1.46
CA ILE A 343 1.08 2.74 -0.68
C ILE A 343 1.50 2.85 0.79
N LEU A 344 1.24 4.01 1.39
CA LEU A 344 1.61 4.29 2.77
C LEU A 344 0.47 3.91 3.69
N THR A 345 0.77 3.09 4.70
CA THR A 345 -0.17 2.74 5.74
C THR A 345 0.24 3.35 7.09
N CYS A 346 -0.77 3.56 7.95
CA CYS A 346 -0.54 4.01 9.32
C CYS A 346 -1.65 3.41 10.16
N GLU A 347 -1.28 2.53 11.05
CA GLU A 347 -2.23 1.84 11.92
C GLU A 347 -2.48 2.67 13.19
N PRO A 348 -3.64 2.49 13.81
CA PRO A 348 -3.95 3.31 14.99
C PRO A 348 -3.08 2.95 16.21
P 8OG B 4 -27.45 8.26 2.28
OP1 8OG B 4 -27.48 7.11 1.27
OP2 8OG B 4 -28.22 7.91 3.51
O5' 8OG B 4 -25.90 8.58 2.66
C5' 8OG B 4 -25.34 7.77 3.64
C4' 8OG B 4 -24.14 8.48 4.17
O4' 8OG B 4 -24.43 9.96 4.65
C3' 8OG B 4 -23.73 7.81 5.22
O3' 8OG B 4 -22.42 7.20 4.84
C2' 8OG B 4 -23.57 8.78 6.36
C1' 8OG B 4 -23.64 10.14 5.68
N9 8OG B 4 -24.18 11.16 6.56
C8 8OG B 4 -25.61 11.30 7.02
N7 8OG B 4 -25.64 12.56 7.88
C5 8OG B 4 -24.29 13.10 7.89
C6 8OG B 4 -23.73 14.32 8.58
O6 8OG B 4 -24.40 15.02 9.23
N1 8OG B 4 -22.34 14.64 8.42
C2 8OG B 4 -21.48 13.76 7.59
N2 8OG B 4 -20.08 14.08 7.45
N3 8OG B 4 -22.00 12.60 6.96
C4 8OG B 4 -23.44 12.27 7.11
O8 8OG B 4 -26.52 10.54 6.76
H5' 8OG B 4 -25.98 7.64 4.36
H5'' 8OG B 4 -25.09 6.92 3.26
H4' 8OG B 4 -23.46 8.56 3.48
H3' 8OG B 4 -24.39 7.16 5.51
H2' 8OG B 4 -22.71 8.65 6.81
H2'' 8OG B 4 -24.29 8.68 7.00
H1' 8OG B 4 -22.75 10.40 5.39
H7 8OG B 4 -26.33 12.89 8.28
H1 8OG B 4 -22.01 15.34 8.80
H21 8OG B 4 -19.76 14.78 7.83
H22 8OG B 4 -19.58 13.59 6.97
N PRO D 38 -5.39 -25.48 27.16
CA PRO D 38 -4.36 -25.33 26.12
C PRO D 38 -4.91 -24.66 24.87
N PRO D 39 -4.78 -23.31 24.78
CA PRO D 39 -5.19 -22.60 23.56
C PRO D 39 -4.37 -22.99 22.35
N SER D 40 -4.97 -23.70 21.39
CA SER D 40 -4.25 -24.25 20.26
C SER D 40 -5.13 -24.24 19.02
N ILE D 41 -4.59 -23.79 17.88
CA ILE D 41 -5.21 -24.00 16.59
C ILE D 41 -4.32 -24.94 15.77
N TRP D 42 -4.89 -26.04 15.28
CA TRP D 42 -4.15 -27.01 14.50
C TRP D 42 -5.18 -27.84 13.74
N ARG D 43 -5.30 -27.59 12.44
CA ARG D 43 -6.21 -28.33 11.58
C ARG D 43 -5.47 -28.77 10.32
N LEU D 44 -5.72 -30.01 9.90
CA LEU D 44 -5.17 -30.58 8.68
C LEU D 44 -6.23 -30.60 7.60
N PHE D 45 -5.82 -30.37 6.36
CA PHE D 45 -6.77 -30.28 5.25
C PHE D 45 -6.25 -31.02 4.03
N HIS D 46 -7.19 -31.66 3.31
CA HIS D 46 -6.87 -32.28 2.03
C HIS D 46 -6.85 -31.26 0.91
N ARG D 47 -7.58 -30.16 1.05
CA ARG D 47 -7.66 -29.13 0.02
C ARG D 47 -7.21 -27.79 0.58
N GLN D 48 -6.33 -27.11 -0.17
CA GLN D 48 -5.83 -25.82 0.30
C GLN D 48 -6.94 -24.78 0.34
N ALA D 49 -8.02 -24.98 -0.45
CA ALA D 49 -9.15 -24.07 -0.37
C ALA D 49 -9.91 -24.21 0.95
N GLN D 50 -9.95 -25.41 1.54
CA GLN D 50 -10.52 -25.54 2.88
C GLN D 50 -9.56 -24.97 3.92
N ALA D 51 -8.25 -25.10 3.70
CA ALA D 51 -7.31 -24.48 4.63
C ALA D 51 -7.49 -22.97 4.64
N PHE D 52 -7.67 -22.35 3.48
CA PHE D 52 -7.86 -20.90 3.45
C PHE D 52 -9.22 -20.51 4.00
N ASN D 53 -10.24 -21.35 3.79
CA ASN D 53 -11.53 -21.09 4.46
C ASN D 53 -11.35 -21.02 5.98
N PHE D 54 -10.55 -21.94 6.53
CA PHE D 54 -10.34 -21.95 7.97
C PHE D 54 -9.58 -20.71 8.42
N VAL D 55 -8.56 -20.29 7.66
CA VAL D 55 -7.82 -19.08 8.04
C VAL D 55 -8.79 -17.90 8.19
N LYS D 56 -9.72 -17.77 7.25
CA LYS D 56 -10.67 -16.67 7.30
C LYS D 56 -11.72 -16.89 8.38
N SER D 57 -12.06 -18.16 8.68
CA SER D 57 -13.12 -18.46 9.64
C SER D 57 -12.66 -18.26 11.08
N CYS D 58 -11.42 -18.63 11.40
CA CYS D 58 -10.95 -18.42 12.77
C CYS D 58 -10.46 -17.01 13.03
N LYS D 59 -10.09 -16.26 11.98
CA LYS D 59 -9.71 -14.85 12.13
C LYS D 59 -8.64 -14.68 13.20
N GLU D 60 -7.79 -15.69 13.34
CA GLU D 60 -6.62 -15.62 14.21
C GLU D 60 -5.37 -15.49 13.33
N ASP D 61 -4.24 -15.29 13.99
CA ASP D 61 -2.97 -15.10 13.30
C ASP D 61 -2.38 -16.45 12.90
N VAL D 62 -3.09 -17.14 12.01
CA VAL D 62 -2.73 -18.49 11.59
C VAL D 62 -2.27 -18.44 10.12
N HIS D 63 -1.64 -19.53 9.69
CA HIS D 63 -0.99 -19.53 8.39
C HIS D 63 -1.02 -20.94 7.81
N VAL D 64 -0.84 -21.05 6.50
CA VAL D 64 -1.03 -22.29 5.77
C VAL D 64 0.34 -22.86 5.42
N PHE D 65 0.57 -24.10 5.81
CA PHE D 65 1.74 -24.87 5.48
C PHE D 65 1.31 -26.05 4.64
N ALA D 66 2.20 -26.46 3.74
CA ALA D 66 1.97 -27.60 2.87
C ALA D 66 2.96 -28.69 3.23
N LEU D 67 2.47 -29.91 3.28
CA LEU D 67 3.22 -31.08 3.69
C LEU D 67 3.21 -32.09 2.54
N GLU D 68 4.39 -32.48 2.07
CA GLU D 68 4.50 -33.51 1.03
C GLU D 68 4.31 -34.90 1.63
N CYS D 69 3.43 -35.69 1.01
CA CYS D 69 3.08 -37.02 1.46
C CYS D 69 4.04 -38.06 0.91
N LYS D 70 4.14 -39.19 1.64
CA LYS D 70 5.07 -40.27 1.33
C LYS D 70 5.15 -40.58 -0.16
N VAL D 71 4.05 -40.34 -0.88
CA VAL D 71 4.05 -40.61 -2.32
C VAL D 71 5.23 -39.91 -2.98
N GLY D 72 5.86 -40.60 -3.93
CA GLY D 72 6.98 -40.05 -4.67
C GLY D 72 6.53 -39.08 -5.75
N ASP D 73 5.67 -38.13 -5.38
CA ASP D 73 5.14 -37.12 -6.29
C ASP D 73 4.95 -35.82 -5.51
N GLY D 74 4.32 -34.83 -6.13
CA GLY D 74 4.19 -33.53 -5.52
C GLY D 74 2.94 -33.33 -4.70
N GLN D 75 2.23 -34.41 -4.40
CA GLN D 75 0.96 -34.32 -3.69
C GLN D 75 1.18 -33.71 -2.31
N ARG D 76 0.31 -32.78 -1.92
CA ARG D 76 0.40 -32.18 -0.58
C ARG D 76 -0.88 -32.34 0.20
N ILE D 77 -0.75 -32.29 1.53
CA ILE D 77 -1.84 -31.94 2.44
C ILE D 77 -1.48 -30.59 3.05
N TYR D 78 -2.45 -29.98 3.75
CA TYR D 78 -2.32 -28.61 4.20
C TYR D 78 -2.63 -28.49 5.68
N LEU D 79 -1.78 -27.74 6.38
CA LEU D 79 -1.87 -27.56 7.82
C LEU D 79 -2.05 -26.07 8.12
N VAL D 80 -2.99 -25.76 9.02
CA VAL D 80 -3.21 -24.38 9.48
C VAL D 80 -2.96 -24.33 10.99
N THR D 81 -2.02 -23.48 11.41
CA THR D 81 -1.70 -23.26 12.81
C THR D 81 -0.93 -21.95 12.90
N THR D 82 -0.45 -21.59 14.09
CA THR D 82 0.39 -20.41 14.27
C THR D 82 1.86 -20.74 14.00
N TYR D 83 2.66 -19.71 13.70
CA TYR D 83 4.10 -19.94 13.61
C TYR D 83 4.65 -20.53 14.91
N ALA D 84 4.23 -20.00 16.06
CA ALA D 84 4.79 -20.46 17.33
C ALA D 84 4.49 -21.95 17.53
N GLU D 85 3.23 -22.34 17.31
CA GLU D 85 2.86 -23.72 17.55
C GLU D 85 3.42 -24.63 16.47
N PHE D 86 3.45 -24.16 15.22
CA PHE D 86 4.13 -24.94 14.19
C PHE D 86 5.57 -25.23 14.62
N TRP D 87 6.33 -24.19 14.97
CA TRP D 87 7.72 -24.38 15.35
C TRP D 87 7.86 -25.34 16.51
N PHE D 88 6.94 -25.26 17.49
CA PHE D 88 7.04 -26.09 18.67
C PHE D 88 7.17 -27.56 18.30
N TYR D 89 6.37 -28.01 17.34
CA TYR D 89 6.38 -29.41 16.92
C TYR D 89 7.32 -29.70 15.77
N TYR D 90 7.74 -28.67 15.04
CA TYR D 90 8.63 -28.83 13.90
C TYR D 90 10.08 -28.85 14.33
N LYS D 91 10.43 -28.02 15.32
CA LYS D 91 11.82 -27.71 15.65
C LYS D 91 12.66 -28.97 15.87
N SER D 92 12.06 -30.06 16.32
CA SER D 92 12.80 -31.30 16.46
C SER D 92 13.41 -31.72 15.13
N ARG D 93 12.68 -31.52 14.03
CA ARG D 93 13.03 -32.00 12.70
C ARG D 93 13.03 -33.52 12.62
N LYS D 94 12.56 -34.20 13.66
CA LYS D 94 12.19 -35.61 13.62
C LYS D 94 10.72 -35.80 13.29
N ASN D 95 10.13 -34.88 12.54
CA ASN D 95 8.70 -34.74 12.34
C ASN D 95 8.39 -33.62 11.38
N LEU D 96 7.43 -33.83 10.48
CA LEU D 96 7.13 -32.84 9.46
C LEU D 96 8.41 -32.45 8.73
N LEU D 97 9.02 -33.43 8.10
CA LEU D 97 10.33 -33.23 7.53
C LEU D 97 10.30 -32.63 6.13
N HIS D 98 9.12 -32.50 5.50
CA HIS D 98 9.04 -32.02 4.11
C HIS D 98 7.93 -30.98 3.98
N CYS D 99 8.22 -29.79 4.45
CA CYS D 99 7.22 -28.77 4.70
C CYS D 99 7.47 -27.54 3.84
N TYR D 100 6.38 -26.87 3.49
CA TYR D 100 6.42 -25.70 2.63
C TYR D 100 5.50 -24.63 3.20
N GLU D 101 5.91 -23.38 3.07
CA GLU D 101 5.01 -22.26 3.34
C GLU D 101 4.17 -22.01 2.10
N VAL D 102 2.85 -21.88 2.26
CA VAL D 102 1.99 -21.41 1.18
C VAL D 102 1.92 -19.89 1.27
N ILE D 103 2.50 -19.20 0.29
CA ILE D 103 2.44 -17.74 0.19
C ILE D 103 1.08 -17.31 -0.33
N PRO D 104 0.15 -16.86 0.53
CA PRO D 104 -1.23 -16.68 0.07
C PRO D 104 -1.32 -15.61 -1.01
N GLU D 105 -2.25 -15.84 -1.95
CA GLU D 105 -2.49 -14.86 -3.00
C GLU D 105 -3.13 -13.60 -2.41
N ASN D 106 -2.66 -12.44 -2.87
CA ASN D 106 -3.16 -11.14 -2.41
C ASN D 106 -2.74 -10.80 -0.98
N ALA D 107 -1.74 -11.48 -0.43
CA ALA D 107 -1.22 -11.14 0.89
C ALA D 107 0.13 -10.44 0.73
N VAL D 108 0.35 -9.37 1.51
CA VAL D 108 1.63 -8.69 1.46
C VAL D 108 2.77 -9.68 1.75
N CYS D 109 3.91 -9.47 1.11
CA CYS D 109 4.99 -10.43 1.30
C CYS D 109 6.34 -9.77 1.13
N LYS D 110 7.34 -10.46 1.65
CA LYS D 110 8.70 -9.98 1.51
C LYS D 110 9.16 -10.19 0.07
N LEU D 111 10.20 -9.45 -0.29
CA LEU D 111 10.93 -9.72 -1.51
C LEU D 111 11.78 -10.98 -1.32
N TYR D 112 11.58 -11.96 -2.20
CA TYR D 112 12.27 -13.25 -2.07
C TYR D 112 12.72 -13.74 -3.44
N PHE D 113 13.71 -14.64 -3.42
CA PHE D 113 14.34 -15.15 -4.64
C PHE D 113 14.55 -16.65 -4.54
N ASP D 114 14.34 -17.35 -5.65
CA ASP D 114 14.77 -18.74 -5.82
C ASP D 114 15.87 -18.77 -6.88
N LEU D 115 17.11 -19.02 -6.47
CA LEU D 115 18.27 -18.98 -7.35
C LEU D 115 18.80 -20.40 -7.54
N GLU D 116 19.14 -20.73 -8.79
CA GLU D 116 19.60 -22.08 -9.07
C GLU D 116 20.29 -22.15 -10.43
N PHE D 117 21.20 -23.10 -10.54
CA PHE D 117 21.72 -23.51 -11.84
C PHE D 117 22.33 -24.88 -11.68
N ASN D 118 22.39 -25.61 -12.79
CA ASN D 118 23.03 -26.92 -12.80
C ASN D 118 24.52 -26.74 -12.90
N LYS D 119 25.26 -27.33 -11.94
CA LYS D 119 26.70 -27.07 -11.88
C LYS D 119 27.45 -27.72 -13.05
N PRO D 120 27.27 -29.01 -13.36
CA PRO D 120 27.99 -29.57 -14.52
C PRO D 120 27.77 -28.77 -15.80
N ALA D 121 26.57 -28.22 -16.01
CA ALA D 121 26.35 -27.46 -17.22
C ALA D 121 26.87 -26.03 -17.13
N ASN D 122 27.37 -25.61 -15.96
CA ASN D 122 27.91 -24.26 -15.80
C ASN D 122 29.20 -24.31 -14.98
N PRO D 123 30.24 -24.96 -15.52
CA PRO D 123 31.50 -25.08 -14.76
C PRO D 123 32.13 -23.74 -14.44
N GLY D 124 31.87 -22.70 -15.25
CA GLY D 124 32.44 -21.40 -15.01
C GLY D 124 31.58 -20.45 -14.21
N ALA D 125 30.42 -20.89 -13.73
CA ALA D 125 29.56 -20.02 -12.94
C ALA D 125 30.05 -20.00 -11.50
N ASP D 126 30.29 -18.82 -10.97
CA ASP D 126 30.63 -18.65 -9.56
C ASP D 126 29.35 -18.21 -8.83
N GLY D 127 28.66 -19.18 -8.23
CA GLY D 127 27.37 -18.90 -7.63
C GLY D 127 27.44 -17.90 -6.50
N LYS D 128 28.47 -17.98 -5.67
CA LYS D 128 28.59 -17.06 -4.54
C LYS D 128 28.68 -15.62 -5.02
N LYS D 129 29.50 -15.37 -6.04
CA LYS D 129 29.64 -14.01 -6.56
C LYS D 129 28.39 -13.57 -7.28
N MET D 130 27.77 -14.45 -8.06
CA MET D 130 26.54 -14.06 -8.74
C MET D 130 25.48 -13.65 -7.73
N VAL D 131 25.41 -14.34 -6.58
CA VAL D 131 24.43 -13.97 -5.56
C VAL D 131 24.70 -12.56 -5.05
N ALA D 132 25.98 -12.27 -4.76
CA ALA D 132 26.33 -10.97 -4.21
C ALA D 132 26.03 -9.85 -5.20
N LEU D 133 26.40 -10.06 -6.46
CA LEU D 133 26.15 -9.08 -7.50
C LEU D 133 24.66 -8.89 -7.72
N LEU D 134 23.89 -9.99 -7.67
CA LEU D 134 22.44 -9.86 -7.77
C LEU D 134 21.90 -9.00 -6.64
N ILE D 135 22.33 -9.28 -5.40
CA ILE D 135 21.81 -8.50 -4.27
C ILE D 135 22.16 -7.03 -4.45
N GLU D 136 23.37 -6.74 -4.92
CA GLU D 136 23.78 -5.36 -5.14
C GLU D 136 22.91 -4.68 -6.18
N TYR D 137 22.63 -5.37 -7.30
CA TYR D 137 21.74 -4.81 -8.30
C TYR D 137 20.34 -4.60 -7.74
N VAL D 138 19.80 -5.62 -7.07
CA VAL D 138 18.43 -5.50 -6.55
C VAL D 138 18.33 -4.35 -5.55
N CYS D 139 19.33 -4.21 -4.68
CA CYS D 139 19.31 -3.10 -3.73
C CYS D 139 19.32 -1.77 -4.47
N LYS D 140 20.13 -1.67 -5.53
CA LYS D 140 20.14 -0.44 -6.30
C LYS D 140 18.78 -0.18 -6.92
N ALA D 141 18.15 -1.22 -7.48
CA ALA D 141 16.82 -1.05 -8.06
C ALA D 141 15.80 -0.62 -7.01
N LEU D 142 15.87 -1.20 -5.80
CA LEU D 142 14.93 -0.80 -4.77
C LEU D 142 15.12 0.67 -4.41
N GLN D 143 16.35 1.17 -4.50
CA GLN D 143 16.58 2.57 -4.18
C GLN D 143 16.02 3.47 -5.28
N GLU D 144 16.41 3.21 -6.52
CA GLU D 144 16.06 4.10 -7.62
C GLU D 144 14.57 4.10 -7.87
N LEU D 145 13.92 2.95 -7.82
CA LEU D 145 12.52 2.87 -8.19
C LEU D 145 11.56 3.14 -7.03
N TYR D 146 11.93 2.76 -5.80
CA TYR D 146 11.02 2.85 -4.67
C TYR D 146 11.54 3.69 -3.50
N GLY D 147 12.78 4.18 -3.56
CA GLY D 147 13.35 4.88 -2.43
C GLY D 147 13.56 4.01 -1.21
N VAL D 148 13.76 2.71 -1.39
CA VAL D 148 13.98 1.78 -0.29
C VAL D 148 15.47 1.55 -0.15
N ASN D 149 15.96 1.68 1.08
CA ASN D 149 17.37 1.51 1.40
C ASN D 149 17.59 0.13 1.98
N CYS D 150 18.49 -0.63 1.38
N CYS D 150 18.53 -0.61 1.39
CA CYS D 150 18.81 -1.94 1.92
CA CYS D 150 18.72 -2.04 1.66
C CYS D 150 20.14 -2.41 1.34
C CYS D 150 20.15 -2.41 1.30
N SER D 151 20.70 -3.41 1.99
CA SER D 151 22.02 -3.94 1.65
C SER D 151 22.02 -5.43 1.90
N ALA D 152 23.14 -6.07 1.61
CA ALA D 152 23.25 -7.50 1.83
C ALA D 152 23.06 -7.89 3.29
N GLU D 153 23.23 -6.95 4.23
CA GLU D 153 22.97 -7.22 5.63
C GLU D 153 21.49 -7.42 5.93
N ASP D 154 20.60 -7.10 4.99
CA ASP D 154 19.17 -7.29 5.13
C ASP D 154 18.64 -8.50 4.37
N VAL D 155 19.51 -9.37 3.86
CA VAL D 155 19.11 -10.49 3.01
C VAL D 155 19.44 -11.78 3.75
N LEU D 156 18.42 -12.53 4.12
CA LEU D 156 18.65 -13.86 4.67
C LEU D 156 19.00 -14.78 3.50
N ASN D 157 20.14 -15.44 3.59
CA ASN D 157 20.69 -16.27 2.50
C ASN D 157 20.68 -17.72 2.97
N LEU D 158 19.83 -18.53 2.34
CA LEU D 158 19.69 -19.94 2.69
C LEU D 158 20.19 -20.82 1.55
N ASP D 159 20.77 -21.96 1.89
CA ASP D 159 21.36 -22.82 0.88
C ASP D 159 20.84 -24.26 0.97
N SER D 160 20.65 -24.87 -0.20
CA SER D 160 20.24 -26.27 -0.33
C SER D 160 20.99 -26.95 -1.48
N SER D 161 22.25 -26.56 -1.65
CA SER D 161 23.07 -27.02 -2.78
C SER D 161 23.48 -28.47 -2.65
N THR D 162 23.76 -29.08 -3.80
CA THR D 162 24.35 -30.42 -3.89
C THR D 162 25.52 -30.37 -4.85
N ASP D 163 26.13 -31.53 -5.11
CA ASP D 163 27.19 -31.57 -6.09
C ASP D 163 26.66 -31.30 -7.50
N GLU D 164 25.36 -31.50 -7.75
CA GLU D 164 24.81 -31.28 -9.09
C GLU D 164 24.13 -29.94 -9.26
N LYS D 165 23.71 -29.30 -8.18
CA LYS D 165 22.85 -28.13 -8.28
C LYS D 165 23.29 -27.06 -7.27
N PHE D 166 23.53 -25.86 -7.76
CA PHE D 166 23.63 -24.69 -6.90
C PHE D 166 22.21 -24.23 -6.61
N SER D 167 21.87 -24.08 -5.33
CA SER D 167 20.50 -23.77 -4.94
C SER D 167 20.52 -22.85 -3.73
N ARG D 168 19.97 -21.65 -3.90
CA ARG D 168 19.84 -20.68 -2.82
C ARG D 168 18.42 -20.14 -2.78
N HIS D 169 17.96 -19.83 -1.57
CA HIS D 169 16.79 -18.99 -1.34
C HIS D 169 17.22 -17.71 -0.63
N LEU D 170 16.80 -16.57 -1.15
CA LEU D 170 17.04 -15.29 -0.52
C LEU D 170 15.70 -14.71 -0.07
N ILE D 171 15.67 -14.20 1.15
CA ILE D 171 14.47 -13.54 1.70
C ILE D 171 14.94 -12.22 2.28
N PHE D 172 14.51 -11.12 1.65
CA PHE D 172 14.92 -9.79 2.06
C PHE D 172 14.12 -9.38 3.30
N GLN D 173 14.81 -8.76 4.25
CA GLN D 173 14.19 -8.28 5.49
C GLN D 173 14.20 -6.75 5.47
N LEU D 174 13.26 -6.17 4.74
CA LEU D 174 13.18 -4.72 4.61
C LEU D 174 12.38 -4.12 5.78
N HIS D 175 12.95 -3.08 6.38
CA HIS D 175 12.37 -2.47 7.59
C HIS D 175 11.13 -1.68 7.21
N ASP D 176 9.97 -2.18 7.63
CA ASP D 176 8.70 -1.49 7.42
C ASP D 176 8.32 -1.40 5.95
N VAL D 177 8.79 -2.33 5.12
CA VAL D 177 8.46 -2.36 3.69
C VAL D 177 8.01 -3.78 3.34
N ALA D 178 7.09 -3.88 2.40
CA ALA D 178 6.72 -5.17 1.82
C ALA D 178 6.09 -4.91 0.46
N PHE D 179 6.00 -5.98 -0.34
CA PHE D 179 5.33 -5.94 -1.63
C PHE D 179 3.85 -6.30 -1.45
N LYS D 180 3.01 -5.77 -2.33
CA LYS D 180 1.57 -5.96 -2.18
C LYS D 180 1.22 -7.44 -2.17
N ASP D 181 1.88 -8.24 -3.01
CA ASP D 181 1.70 -9.69 -3.04
C ASP D 181 2.80 -10.26 -3.94
N ASN D 182 2.93 -11.58 -3.93
CA ASN D 182 4.06 -12.18 -4.64
C ASN D 182 3.94 -11.97 -6.15
N ILE D 183 2.75 -11.79 -6.68
CA ILE D 183 2.64 -11.47 -8.12
C ILE D 183 3.34 -10.15 -8.42
N HIS D 184 3.17 -9.14 -7.54
CA HIS D 184 3.84 -7.86 -7.74
C HIS D 184 5.35 -7.97 -7.59
N VAL D 185 5.83 -8.89 -6.74
CA VAL D 185 7.26 -9.17 -6.68
C VAL D 185 7.75 -9.64 -8.04
N GLY D 186 7.01 -10.57 -8.65
CA GLY D 186 7.39 -11.06 -9.98
C GLY D 186 7.37 -9.97 -11.03
N ASN D 187 6.38 -9.08 -10.98
CA ASN D 187 6.36 -7.97 -11.93
C ASN D 187 7.59 -7.09 -11.73
N PHE D 188 7.96 -6.81 -10.49
CA PHE D 188 9.17 -6.05 -10.21
C PHE D 188 10.40 -6.71 -10.81
N LEU D 189 10.56 -8.01 -10.56
CA LEU D 189 11.79 -8.64 -11.02
C LEU D 189 11.81 -8.75 -12.54
N ARG D 190 10.67 -9.06 -13.17
CA ARG D 190 10.66 -9.08 -14.64
C ARG D 190 11.02 -7.71 -15.20
N LYS D 191 10.54 -6.64 -14.54
CA LYS D 191 10.83 -5.28 -14.98
C LYS D 191 12.31 -4.96 -14.87
N ILE D 192 12.94 -5.28 -13.72
CA ILE D 192 14.32 -4.87 -13.53
C ILE D 192 15.32 -5.85 -14.15
N LEU D 193 14.91 -7.10 -14.41
CA LEU D 193 15.78 -8.07 -15.07
C LEU D 193 15.56 -8.12 -16.58
N GLN D 194 14.75 -7.21 -17.11
CA GLN D 194 14.46 -7.24 -18.55
C GLN D 194 15.71 -7.16 -19.41
N PRO D 195 16.75 -6.40 -19.05
CA PRO D 195 17.99 -6.44 -19.84
C PRO D 195 18.61 -7.83 -19.92
N ALA D 196 18.57 -8.60 -18.83
CA ALA D 196 19.10 -9.96 -18.86
C ALA D 196 18.20 -10.88 -19.68
N LEU D 197 16.88 -10.73 -19.54
CA LEU D 197 15.98 -11.58 -20.30
C LEU D 197 16.14 -11.37 -21.80
N ASP D 198 16.55 -10.16 -22.22
CA ASP D 198 16.74 -9.90 -23.65
C ASP D 198 17.90 -10.72 -24.21
N LEU D 199 18.87 -11.11 -23.36
CA LEU D 199 20.00 -11.91 -23.84
C LEU D 199 19.60 -13.36 -24.11
N LEU D 200 18.44 -13.80 -23.65
CA LEU D 200 18.03 -15.17 -23.85
C LEU D 200 17.51 -15.34 -25.27
N ASP D 262 24.46 -3.96 -17.47
CA ASP D 262 25.03 -5.24 -17.88
C ASP D 262 24.75 -6.33 -16.85
N LEU D 263 23.79 -7.20 -17.20
CA LEU D 263 23.33 -8.27 -16.33
C LEU D 263 23.67 -9.65 -16.88
N SER D 264 24.69 -9.74 -17.74
CA SER D 264 25.04 -11.03 -18.34
C SER D 264 25.52 -12.04 -17.30
N PHE D 265 26.02 -11.57 -16.15
CA PHE D 265 26.46 -12.49 -15.11
C PHE D 265 25.33 -13.38 -14.60
N LEU D 266 24.07 -13.05 -14.88
CA LEU D 266 22.95 -13.87 -14.46
C LEU D 266 22.61 -14.99 -15.43
N VAL D 267 23.21 -15.01 -16.62
CA VAL D 267 22.82 -15.98 -17.63
C VAL D 267 23.54 -17.30 -17.38
N VAL D 268 22.76 -18.38 -17.26
CA VAL D 268 23.29 -19.73 -17.14
C VAL D 268 22.64 -20.60 -18.21
N LYS D 269 23.21 -21.77 -18.44
CA LYS D 269 22.66 -22.75 -19.36
C LYS D 269 22.14 -23.95 -18.56
N ASN D 270 21.02 -24.50 -19.01
CA ASN D 270 20.56 -25.76 -18.44
C ASN D 270 21.17 -26.91 -19.24
N ASN D 271 20.90 -28.13 -18.80
CA ASN D 271 21.46 -29.33 -19.42
C ASN D 271 21.08 -29.45 -20.89
N MET D 272 20.03 -28.77 -21.32
CA MET D 272 19.57 -28.79 -22.69
C MET D 272 20.29 -27.77 -23.56
N GLY D 273 21.18 -26.96 -22.99
CA GLY D 273 21.81 -25.91 -23.75
C GLY D 273 20.98 -24.66 -23.88
N GLU D 274 19.82 -24.60 -23.24
CA GLU D 274 18.98 -23.41 -23.27
C GLU D 274 19.52 -22.39 -22.27
N LYS D 275 19.72 -21.17 -22.71
CA LYS D 275 20.11 -20.09 -21.82
C LYS D 275 18.90 -19.65 -21.01
N HIS D 276 19.11 -19.44 -19.70
CA HIS D 276 18.07 -18.91 -18.82
C HIS D 276 18.73 -18.11 -17.70
N LEU D 277 17.91 -17.55 -16.83
CA LEU D 277 18.46 -16.74 -15.75
C LEU D 277 18.72 -17.58 -14.51
N PHE D 278 19.80 -17.23 -13.80
CA PHE D 278 20.04 -17.62 -12.41
C PHE D 278 18.80 -17.47 -11.53
N VAL D 279 17.99 -16.45 -11.81
CA VAL D 279 16.80 -16.15 -11.02
C VAL D 279 15.66 -16.96 -11.60
N ASP D 280 15.03 -17.76 -10.75
CA ASP D 280 13.90 -18.59 -11.19
C ASP D 280 12.63 -17.74 -11.11
N LEU D 281 12.16 -17.29 -12.27
CA LEU D 281 11.02 -16.39 -12.31
C LEU D 281 9.69 -17.13 -12.26
N GLY D 282 9.71 -18.45 -12.07
CA GLY D 282 8.50 -19.25 -11.98
C GLY D 282 7.89 -19.40 -10.59
N VAL D 283 8.48 -18.81 -9.56
CA VAL D 283 7.94 -18.95 -8.21
C VAL D 283 7.08 -17.76 -7.81
N TYR D 284 6.70 -16.90 -8.76
CA TYR D 284 5.83 -15.77 -8.41
C TYR D 284 4.43 -16.03 -8.93
N THR D 285 3.81 -17.06 -8.41
CA THR D 285 2.52 -17.56 -8.84
C THR D 285 1.59 -17.58 -7.64
N ARG D 286 0.31 -17.52 -7.90
CA ARG D 286 -0.68 -17.49 -6.82
C ARG D 286 -0.55 -18.74 -5.96
N ASN D 287 -0.45 -18.53 -4.65
CA ASN D 287 -0.39 -19.60 -3.65
C ASN D 287 0.83 -20.50 -3.83
N ARG D 288 1.94 -19.89 -4.26
CA ARG D 288 3.19 -20.61 -4.43
C ARG D 288 3.65 -21.19 -3.11
N ASN D 289 4.01 -22.48 -3.18
CA ASN D 289 4.68 -23.09 -2.09
C ASN D 289 6.16 -22.72 -2.06
N PHE D 290 6.75 -22.62 -0.86
CA PHE D 290 8.17 -22.22 -0.79
C PHE D 290 8.78 -22.94 0.41
N ARG D 291 9.70 -23.86 0.09
CA ARG D 291 10.16 -24.86 1.04
C ARG D 291 10.71 -24.20 2.30
N LEU D 292 10.43 -24.80 3.44
CA LEU D 292 10.74 -24.13 4.69
C LEU D 292 12.22 -24.26 5.03
N TYR D 293 12.71 -23.26 5.77
CA TYR D 293 13.92 -23.38 6.56
C TYR D 293 13.94 -24.72 7.28
N LYS D 294 14.99 -25.49 7.03
CA LYS D 294 15.31 -26.79 7.64
C LYS D 294 14.48 -27.95 7.11
N SER D 295 13.68 -27.76 6.07
CA SER D 295 13.04 -28.88 5.39
C SER D 295 13.80 -29.24 4.11
N SER D 296 13.72 -30.52 3.76
CA SER D 296 14.18 -31.03 2.48
C SER D 296 12.97 -31.49 1.67
N LYS D 297 13.16 -31.60 0.36
CA LYS D 297 12.17 -32.22 -0.50
C LYS D 297 12.03 -33.69 -0.14
N ILE D 298 10.84 -34.23 -0.36
CA ILE D 298 10.51 -35.55 0.16
C ILE D 298 11.47 -36.61 -0.39
N GLY D 299 11.88 -36.48 -1.63
CA GLY D 299 12.74 -37.55 -2.14
C GLY D 299 14.22 -37.34 -1.89
N LYS D 300 14.56 -36.44 -0.96
CA LYS D 300 15.93 -35.95 -0.84
C LYS D 300 16.29 -35.81 0.63
N ARG D 301 17.54 -35.43 0.88
CA ARG D 301 18.03 -35.26 2.23
C ARG D 301 18.60 -33.88 2.51
N VAL D 302 18.74 -33.02 1.51
CA VAL D 302 19.36 -31.71 1.70
C VAL D 302 18.32 -30.70 2.14
N ALA D 303 18.52 -30.15 3.32
CA ALA D 303 17.60 -29.19 3.91
C ALA D 303 18.14 -27.78 3.73
N LEU D 304 17.23 -26.83 3.62
CA LEU D 304 17.60 -25.42 3.58
C LEU D 304 18.21 -25.02 4.92
N GLU D 305 19.45 -24.55 4.89
CA GLU D 305 20.16 -24.10 6.08
C GLU D 305 20.71 -22.71 5.79
N VAL D 306 21.12 -22.01 6.85
CA VAL D 306 21.69 -20.69 6.66
C VAL D 306 23.04 -20.82 5.97
N THR D 307 23.25 -20.01 4.94
CA THR D 307 24.48 -20.07 4.16
C THR D 307 25.64 -19.50 4.95
N GLU D 308 26.83 -20.01 4.65
CA GLU D 308 28.01 -19.62 5.42
C GLU D 308 28.35 -18.15 5.22
N ASP D 309 28.01 -17.54 4.07
CA ASP D 309 28.22 -16.11 3.87
C ASP D 309 26.93 -15.30 4.03
N ASN D 310 25.98 -15.80 4.82
CA ASN D 310 24.81 -15.01 5.17
C ASN D 310 25.23 -13.79 5.98
N LYS D 311 24.60 -12.65 5.71
CA LYS D 311 24.94 -11.43 6.46
C LYS D 311 23.78 -10.87 7.28
N PHE D 312 22.61 -11.50 7.26
CA PHE D 312 21.48 -11.03 8.06
C PHE D 312 21.45 -11.72 9.42
N PHE D 313 21.54 -10.94 10.48
CA PHE D 313 21.51 -11.45 11.86
C PHE D 313 20.34 -10.82 12.58
N PRO D 314 19.30 -11.57 12.91
CA PRO D 314 18.18 -10.97 13.64
C PRO D 314 18.59 -10.51 15.02
N ILE D 315 17.78 -9.62 15.59
CA ILE D 315 18.04 -9.14 16.93
C ILE D 315 17.78 -10.29 17.91
N GLN D 316 18.69 -10.49 18.85
CA GLN D 316 18.53 -11.55 19.83
C GLN D 316 17.54 -11.11 20.90
N SER D 317 16.75 -12.06 21.38
CA SER D 317 15.78 -11.82 22.43
C SER D 317 15.82 -12.93 23.47
N LYS D 318 15.66 -12.56 24.74
CA LYS D 318 15.66 -13.57 25.79
C LYS D 318 14.43 -14.48 25.71
N ASP D 319 13.41 -14.07 24.95
CA ASP D 319 12.12 -14.77 24.95
C ASP D 319 11.97 -15.77 23.81
N VAL D 320 12.85 -15.75 22.80
CA VAL D 320 12.76 -16.69 21.70
C VAL D 320 14.15 -17.23 21.41
N SER D 321 14.20 -18.44 20.87
CA SER D 321 15.47 -18.98 20.44
C SER D 321 15.95 -18.27 19.16
N ASP D 322 17.26 -18.30 18.97
CA ASP D 322 17.80 -17.78 17.72
C ASP D 322 17.20 -18.51 16.53
N GLU D 323 17.08 -19.83 16.62
CA GLU D 323 16.57 -20.56 15.46
C GLU D 323 15.16 -20.12 15.12
N TYR D 324 14.31 -19.91 16.14
CA TYR D 324 12.96 -19.42 15.88
C TYR D 324 12.99 -18.08 15.15
N GLN D 325 13.90 -17.19 15.54
CA GLN D 325 14.07 -15.92 14.84
C GLN D 325 14.44 -16.12 13.37
N TYR D 326 15.35 -17.05 13.08
CA TYR D 326 15.72 -17.27 11.68
C TYR D 326 14.53 -17.83 10.91
N PHE D 327 13.75 -18.69 11.57
CA PHE D 327 12.55 -19.22 10.95
C PHE D 327 11.56 -18.11 10.63
N LEU D 328 11.29 -17.25 11.61
CA LEU D 328 10.37 -16.14 11.35
C LEU D 328 10.87 -15.26 10.22
N SER D 329 12.17 -14.95 10.21
CA SER D 329 12.76 -14.18 9.12
C SER D 329 12.61 -14.88 7.78
N SER D 330 12.78 -16.19 7.78
CA SER D 330 12.74 -16.94 6.53
C SER D 330 11.35 -16.92 5.90
N LEU D 331 10.30 -16.64 6.68
CA LEU D 331 8.94 -16.80 6.19
C LEU D 331 8.55 -15.59 5.31
N VAL D 332 8.18 -15.89 4.08
CA VAL D 332 8.01 -14.87 3.06
C VAL D 332 6.76 -14.06 3.33
N SER D 333 5.72 -14.71 3.83
CA SER D 333 4.49 -14.02 4.08
C SER D 333 4.38 -13.54 5.51
N ASN D 334 5.46 -13.65 6.30
CA ASN D 334 5.49 -13.15 7.68
C ASN D 334 5.93 -11.69 7.72
N VAL D 335 5.03 -10.79 7.36
CA VAL D 335 5.37 -9.37 7.27
C VAL D 335 5.12 -8.75 8.63
N ARG D 336 6.20 -8.29 9.28
CA ARG D 336 6.13 -7.89 10.67
C ARG D 336 5.15 -6.75 10.86
N PHE D 337 4.37 -6.82 11.95
CA PHE D 337 3.45 -5.74 12.28
C PHE D 337 4.20 -4.44 12.47
N SER D 338 3.76 -3.41 11.75
CA SER D 338 4.39 -2.10 11.80
C SER D 338 3.33 -1.05 11.51
N ASP D 339 3.30 0.00 12.34
CA ASP D 339 2.32 1.06 12.19
C ASP D 339 2.72 2.11 11.17
N THR D 340 3.76 1.88 10.40
CA THR D 340 4.12 2.80 9.32
C THR D 340 4.50 2.05 8.05
N LEU D 341 3.91 0.87 7.82
CA LEU D 341 4.32 0.02 6.70
C LEU D 341 4.09 0.70 5.36
N ARG D 342 5.06 0.52 4.44
CA ARG D 342 4.96 0.90 3.04
C ARG D 342 4.76 -0.35 2.17
N ILE D 343 3.74 -0.32 1.32
CA ILE D 343 3.45 -1.44 0.42
C ILE D 343 3.88 -1.03 -1.00
N LEU D 344 4.81 -1.83 -1.56
CA LEU D 344 5.33 -1.60 -2.89
C LEU D 344 4.49 -2.33 -3.94
N THR D 345 4.04 -1.61 -4.94
CA THR D 345 3.31 -2.22 -6.03
C THR D 345 4.16 -2.17 -7.29
N CYS D 346 3.84 -3.06 -8.23
CA CYS D 346 4.47 -3.04 -9.55
C CYS D 346 3.49 -3.64 -10.54
N GLU D 347 3.09 -2.82 -11.50
CA GLU D 347 2.22 -3.30 -12.56
C GLU D 347 3.00 -3.56 -13.84
N PRO D 348 2.63 -4.58 -14.61
CA PRO D 348 3.36 -5.01 -15.81
C PRO D 348 3.69 -3.85 -16.72
P 8OG E 4 -5.65 -28.90 -4.15
OP1 8OG E 4 -6.44 -28.21 -3.06
OP2 8OG E 4 -6.52 -29.84 -4.96
O5' 8OG E 4 -4.86 -27.82 -5.05
C5' 8OG E 4 -4.13 -26.84 -4.36
C4' 8OG E 4 -3.38 -25.98 -5.34
O4' 8OG E 4 -2.25 -26.88 -6.04
C3' 8OG E 4 -4.09 -25.44 -6.33
O3' 8OG E 4 -3.80 -23.96 -6.19
C2' 8OG E 4 -3.55 -26.03 -7.61
C1' 8OG E 4 -2.11 -26.35 -7.23
N9 8OG E 4 -1.42 -27.36 -7.99
C8 8OG E 4 -1.95 -28.68 -8.45
N7 8OG E 4 -0.80 -29.37 -9.15
C5 8OG E 4 0.34 -28.48 -9.08
C6 8OG E 4 1.75 -28.64 -9.61
O6 8OG E 4 2.07 -29.61 -10.20
N1 8OG E 4 2.69 -27.57 -9.39
C2 8OG E 4 2.26 -26.36 -8.66
N2 8OG E 4 3.20 -25.29 -8.42
N3 8OG E 4 0.94 -26.21 -8.16
C4 8OG E 4 -0.02 -27.30 -8.38
O8 8OG E 4 -3.09 -29.09 -8.30
H5' 8OG E 4 -3.50 -27.28 -3.78
H5'' 8OG E 4 -4.74 -26.29 -3.85
H4' 8OG E 4 -3.02 -25.23 -4.85
H3' 8OG E 4 -5.03 -25.65 -6.33
H2' 8OG E 4 -4.03 -26.84 -7.86
H2'' 8OG E 4 -3.59 -25.39 -8.34
H1' 8OG E 4 -1.62 -25.51 -7.33
H7 8OG E 4 -0.82 -30.15 -9.53
H1 8OG E 4 3.49 -27.64 -9.68
H21 8OG E 4 2.95 -24.60 -7.99
H22 8OG E 4 4.01 -25.37 -8.72
PG DTP G . -15.40 25.95 4.58
O1G DTP G . -16.74 26.43 5.11
O2G DTP G . -14.50 25.43 5.68
O3G DTP G . -14.66 26.94 3.73
PB DTP G . -15.50 23.16 3.62
O1B DTP G . -16.03 22.59 2.34
O2B DTP G . -14.07 23.04 4.04
O3B DTP G . -15.86 24.75 3.57
PA DTP G . -16.26 22.06 6.25
O1A DTP G . -17.48 22.44 7.05
O2A DTP G . -14.90 22.50 6.73
O3A DTP G . -16.55 22.56 4.72
O5' DTP G . -16.34 20.45 6.11
C5' DTP G . -15.32 19.78 5.39
C4' DTP G . -15.93 18.85 4.39
O4' DTP G . -16.78 17.90 5.04
C3' DTP G . -16.82 19.52 3.34
O3' DTP G . -16.17 19.94 2.16
C2' DTP G . -17.87 18.46 3.00
C1' DTP G . -17.91 17.56 4.24
N9 DTP G . -19.15 17.91 4.96
C8 DTP G . -19.32 19.02 5.71
N7 DTP G . -20.56 19.07 6.23
C5 DTP G . -21.22 17.98 5.79
C6 DTP G . -22.56 17.44 5.97
N6 DTP G . -23.44 18.12 6.74
N1 DTP G . -22.87 16.27 5.37
C2 DTP G . -21.97 15.62 4.61
N3 DTP G . -20.73 16.08 4.42
C4 DTP G . -20.29 17.21 4.96
H5'1 DTP G . -14.68 20.50 4.88
H5'2 DTP G . -14.69 19.21 6.09
H4' DTP G . -15.07 18.39 3.89
H3' DTP G . -17.22 20.46 3.76
HO3' DTP G . -16.82 20.18 1.49
H2'1 DTP G . -18.84 18.92 2.81
H2'2 DTP G . -17.58 17.89 2.11
H1' DTP G . -17.89 16.50 3.98
H8 DTP G . -18.54 19.76 5.87
HN61 DTP G . -23.15 18.99 7.17
HN62 DTP G . -24.37 17.77 6.89
H2 DTP G . -22.27 14.69 4.15
CA CA H . -13.06 23.52 6.13
C1 GOL I . 9.00 28.08 13.67
O1 GOL I . 9.75 27.44 12.67
C2 GOL I . 7.87 27.10 14.08
O2 GOL I . 8.35 25.86 14.46
C3 GOL I . 7.09 27.87 15.18
O3 GOL I . 6.74 26.95 16.18
H11 GOL I . 8.62 28.91 13.37
H12 GOL I . 9.53 28.30 14.46
HO1 GOL I . 9.46 26.63 12.63
H2 GOL I . 7.27 26.90 13.34
HO2 GOL I . 8.69 25.94 15.23
H31 GOL I . 6.33 28.31 14.79
H32 GOL I . 7.65 28.58 15.52
HO3 GOL I . 6.18 26.41 15.81
C1 EDO J . -11.16 21.13 -20.77
O1 EDO J . -12.50 21.38 -21.24
C2 EDO J . -10.62 19.90 -21.52
O2 EDO J . -9.25 19.71 -21.21
H11 EDO J . -11.17 20.95 -19.70
H12 EDO J . -10.53 22.00 -20.97
HO1 EDO J . -12.90 22.07 -20.70
H21 EDO J . -11.19 19.01 -21.24
H22 EDO J . -10.74 20.04 -22.60
HO2 EDO J . -8.94 18.86 -21.58
C1 PEG K . -7.98 2.42 11.48
O1 PEG K . -9.04 1.85 12.21
C2 PEG K . -7.49 1.44 10.42
O2 PEG K . -8.52 1.23 9.49
C3 PEG K . -8.08 0.80 8.24
C4 PEG K . -9.27 0.48 7.34
O4 PEG K . -9.63 1.63 6.63
H11 PEG K . -7.26 2.63 12.09
H12 PEG K . -8.29 3.24 11.05
HO1 PEG K . -9.78 2.05 11.84
H21 PEG K . -7.26 0.60 10.84
H22 PEG K . -6.72 1.81 9.96
H31 PEG K . -7.53 0.02 8.34
H32 PEG K . -7.55 1.51 7.83
H41 PEG K . -10.01 0.18 7.89
H42 PEG K . -9.02 -0.22 6.71
HO4 PEG K . -9.78 2.26 7.18
C1 GOL L . -6.81 29.83 -11.70
O1 GOL L . -7.90 29.12 -12.22
C2 GOL L . -5.62 28.88 -11.82
O2 GOL L . -5.31 28.60 -13.13
C3 GOL L . -4.48 29.61 -11.06
O3 GOL L . -3.45 28.67 -10.91
H11 GOL L . -6.93 30.09 -10.77
H12 GOL L . -6.63 30.64 -12.18
H2 GOL L . -5.80 28.02 -11.41
HO2 GOL L . -5.05 27.79 -13.17
H31 GOL L . -4.82 29.96 -10.23
H32 GOL L . -4.22 30.40 -11.57
HO3 GOL L . -2.95 28.93 -10.26
C1 PEG M . -3.93 13.57 -12.81
O1 PEG M . -4.70 12.46 -13.27
C2 PEG M . -3.66 14.55 -13.97
O2 PEG M . -2.45 15.27 -13.79
C3 PEG M . -2.52 16.39 -12.94
C4 PEG M . -1.12 16.71 -12.42
O4 PEG M . -0.20 16.98 -13.46
H11 PEG M . -3.08 13.24 -12.47
H12 PEG M . -4.42 14.02 -12.11
HO1 PEG M . -4.41 11.75 -12.94
H21 PEG M . -4.38 15.19 -14.02
H22 PEG M . -3.61 14.06 -14.80
H31 PEG M . -2.86 17.14 -13.43
H32 PEG M . -3.10 16.19 -12.20
H41 PEG M . -0.79 15.96 -11.90
H42 PEG M . -1.17 17.50 -11.85
HO4 PEG M . -0.20 16.33 -14.02
PG DTP N . 15.90 -27.02 -5.09
O1G DTP N . 15.63 -28.35 -5.74
O2G DTP N . 15.85 -25.89 -6.08
O3G DTP N . 17.10 -26.91 -4.14
PB DTP N . 13.47 -25.72 -4.10
O1B DTP N . 13.97 -24.35 -4.61
O2B DTP N . 12.63 -25.82 -2.85
O3B DTP N . 14.63 -26.84 -4.00
PA DTP N . 12.10 -25.86 -6.73
O1A DTP N . 11.81 -27.13 -7.49
O2A DTP N . 12.98 -24.82 -7.35
O3A DTP N . 12.53 -26.37 -5.26
O5' DTP N . 10.67 -25.12 -6.52
C5' DTP N . 10.60 -23.82 -5.95
C4' DTP N . 9.45 -23.89 -4.97
O4' DTP N . 8.28 -24.18 -5.73
C3' DTP N . 9.59 -25.02 -3.94
O3' DTP N . 10.25 -24.68 -2.74
C2' DTP N . 8.15 -25.48 -3.75
C1' DTP N . 7.42 -25.06 -5.02
N9 DTP N . 7.14 -26.29 -5.78
C8 DTP N . 8.08 -27.02 -6.45
N7 DTP N . 7.51 -28.11 -7.01
C5 DTP N . 6.21 -28.12 -6.68
C6 DTP N . 5.05 -28.98 -6.94
N6 DTP N . 5.20 -30.09 -7.67
N1 DTP N . 3.85 -28.64 -6.41
C2 DTP N . 3.70 -27.53 -5.68
N3 DTP N . 4.73 -26.69 -5.41
C4 DTP N . 5.97 -26.92 -5.87
H5'1 DTP N . 10.41 -23.07 -6.72
H5'2 DTP N . 11.54 -23.55 -5.45
H4' DTP N . 9.44 -22.94 -4.42
H3' DTP N . 10.26 -25.81 -4.30
HO3' DTP N . 10.25 -25.44 -2.14
H2'1 DTP N . 7.70 -25.00 -2.86
H2'2 DTP N . 8.11 -26.56 -3.59
H1' DTP N . 6.47 -24.55 -4.82
H8 DTP N . 9.11 -26.76 -6.54
HN61 DTP N . 6.10 -30.31 -8.05
HN62 DTP N . 4.41 -30.68 -7.85
H2 DTP N . 2.72 -27.28 -5.30
CA CA O . 14.90 -23.75 -6.50
CA CA P . 13.45 -23.45 -8.86
C1 GOL Q . -1.78 -36.79 9.48
O1 GOL Q . -2.33 -38.07 9.53
C2 GOL Q . -0.30 -36.99 9.13
O2 GOL Q . -0.13 -37.93 8.11
C3 GOL Q . 0.23 -35.58 8.73
O3 GOL Q . 0.65 -34.95 9.90
H11 GOL Q . -1.87 -36.32 10.31
H12 GOL Q . -2.20 -36.23 8.80
HO1 GOL Q . -3.17 -37.98 9.48
H2 GOL Q . 0.19 -37.32 9.90
HO2 GOL Q . -0.70 -38.55 8.23
H31 GOL Q . -0.47 -35.11 8.26
H32 GOL Q . 0.95 -35.70 8.08
HO3 GOL Q . 0.98 -34.20 9.68
C1 GOL R . -6.49 -35.65 7.56
O1 GOL R . -6.96 -34.66 6.69
C2 GOL R . -5.48 -36.52 6.76
O2 GOL R . -4.51 -35.74 6.17
C3 GOL R . -4.91 -37.53 7.79
O3 GOL R . -3.62 -37.88 7.39
H11 GOL R . -7.20 -36.21 7.90
H12 GOL R . -6.05 -35.28 8.34
HO1 GOL R . -6.32 -34.48 6.16
H2 GOL R . -5.91 -36.99 6.03
HO2 GOL R . -3.75 -36.10 6.33
H31 GOL R . -5.52 -38.28 7.85
H32 GOL R . -4.94 -37.12 8.68
HO3 GOL R . -3.58 -38.73 7.43
C1 GOL S . -8.17 -20.18 -6.65
O1 GOL S . -9.23 -19.65 -5.89
C2 GOL S . -7.59 -18.99 -7.45
O2 GOL S . -7.17 -17.98 -6.60
C3 GOL S . -6.45 -19.59 -8.30
O3 GOL S . -5.29 -18.85 -8.00
H11 GOL S . -8.47 -20.87 -7.27
H12 GOL S . -7.48 -20.59 -6.12
HO1 GOL S . -8.89 -19.43 -5.14
H2 GOL S . -8.27 -18.60 -8.03
HO2 GOL S . -7.70 -17.96 -5.93
H31 GOL S . -6.69 -19.55 -9.23
H32 GOL S . -6.35 -20.54 -8.09
HO3 GOL S . -5.56 -18.14 -7.62
C1 PEG T . -10.64 -32.39 8.14
O1 PEG T . -9.95 -32.85 9.28
C2 PEG T . -10.37 -33.34 6.97
O2 PEG T . -10.93 -32.80 5.80
C3 PEG T . -10.05 -31.96 5.08
C4 PEG T . -10.67 -31.55 3.75
O4 PEG T . -10.11 -30.37 3.26
H11 PEG T . -10.33 -31.50 7.92
H12 PEG T . -11.59 -32.37 8.33
HO1 PEG T . -9.82 -32.20 9.81
H21 PEG T . -9.42 -33.44 6.86
H22 PEG T . -10.78 -34.20 7.15
H31 PEG T . -9.85 -31.18 5.60
H32 PEG T . -9.22 -32.46 4.90
H41 PEG T . -10.53 -32.26 3.10
H42 PEG T . -11.62 -31.41 3.88
HO4 PEG T . -10.50 -30.15 2.53
#